data_5CCM
#
_entry.id   5CCM
#
_cell.length_a   60.484
_cell.length_b   65.852
_cell.length_c   107.358
_cell.angle_alpha   90.000
_cell.angle_beta   90.000
_cell.angle_gamma   90.000
#
_symmetry.space_group_name_H-M   'P 21 21 21'
#
loop_
_entity.id
_entity.type
_entity.pdbx_description
1 polymer 'Histone-lysine N-methyltransferase SMYD3'
2 non-polymer 'ZINC ION'
3 non-polymer S-ADENOSYLMETHIONINE
4 non-polymer 6-chloranyl-2-oxidanylidene-N-[(1S,5R)-8-[4-[(phenylmethyl)amino]piperidin-1-yl]sulfonyl-8-azabicyclo[3.2.1]octan-3-yl]-1,3-dihydroindole-5-carboxamide
5 water water
#
_entity_poly.entity_id   1
_entity_poly.type   'polypeptide(L)'
_entity_poly.pdbx_seq_one_letter_code
;MEPLKVEKFATANRGNGLRAVTPLRPGELLFRSDPLAYTVCKGSRGVVCDRCLLGKEKLMRCSQCRVAKYCSAKCQKKAW
PDHKRECKCLKSCKPRYPPDSVRLLGRVVFKLMDGAPSESEKLYSFYDLESNINKLTEDKKEGLRQLVMTFQHFMREEIQ
DASQLPPAFDLFEAFAKVICNSFTICNAEMQEVGVGLYPSISLLNHSCDPNCSIVFNGPHLLLRAVRDIEVGEELTICYL
DMLMTSEERRKQLRDQYCFECDCFRCQTQDKDADMLTGDEQVWKEVQESLKKIEELKAHWKWEQVLAMCQAIISSNSERL
PDINIYQLKVLDCAMDACINLGLLEEALFYGTRTMEPYRIFFPGSHPVRGVQVMKVGKLQLHQGMFPQAMKNLRLAFDIM
RVTHGREHSLIEDLILLLEECDANIRAS
;
_entity_poly.pdbx_strand_id   A
#
loop_
_chem_comp.id
_chem_comp.type
_chem_comp.name
_chem_comp.formula
4ZX non-polymer 6-chloranyl-2-oxidanylidene-N-[(1S,5R)-8-[4-[(phenylmethyl)amino]piperidin-1-yl]sulfonyl-8-azabicyclo[3.2.1]octan-3-yl]-1,3-dihydroindole-5-carboxamide 'C28 H34 Cl N5 O4 S'
SAM non-polymer S-ADENOSYLMETHIONINE 'C15 H22 N6 O5 S'
ZN non-polymer 'ZINC ION' 'Zn 2'
#
# COMPACT_ATOMS: atom_id res chain seq x y z
N PRO A 3 -1.69 -1.11 -27.17
CA PRO A 3 -1.02 0.08 -27.68
C PRO A 3 -0.45 0.94 -26.56
N LEU A 4 0.83 0.74 -26.23
CA LEU A 4 1.38 1.30 -24.99
C LEU A 4 1.75 2.77 -25.06
N LYS A 5 1.37 3.47 -23.99
CA LYS A 5 1.59 4.90 -23.82
C LYS A 5 2.90 5.24 -23.08
N VAL A 6 3.62 4.21 -22.65
CA VAL A 6 4.82 4.40 -21.82
C VAL A 6 5.96 3.53 -22.33
N GLU A 7 7.18 3.88 -22.00
CA GLU A 7 8.31 3.06 -22.40
C GLU A 7 9.43 3.11 -21.38
N LYS A 8 10.11 1.98 -21.23
CA LYS A 8 11.36 1.93 -20.48
C LYS A 8 12.43 2.72 -21.23
N PHE A 9 13.29 3.38 -20.47
CA PHE A 9 14.45 4.07 -21.00
C PHE A 9 15.49 4.11 -19.87
N ALA A 10 16.73 4.41 -20.23
CA ALA A 10 17.81 4.50 -19.26
C ALA A 10 17.94 5.93 -18.82
N THR A 11 17.81 6.19 -17.52
CA THR A 11 17.91 7.55 -17.02
C THR A 11 19.37 7.97 -16.90
N ALA A 12 19.57 9.26 -16.68
CA ALA A 12 20.91 9.78 -16.51
C ALA A 12 21.54 9.32 -15.18
N ASN A 13 20.80 9.35 -14.08
CA ASN A 13 21.41 9.04 -12.77
C ASN A 13 20.58 8.28 -11.75
N ARG A 14 19.54 7.56 -12.20
CA ARG A 14 18.71 6.77 -11.30
C ARG A 14 18.24 5.47 -11.96
N GLY A 15 19.16 4.82 -12.64
CA GLY A 15 18.92 3.54 -13.25
C GLY A 15 17.90 3.64 -14.37
N ASN A 16 17.17 2.55 -14.59
CA ASN A 16 16.11 2.58 -15.57
C ASN A 16 14.88 3.30 -15.04
N GLY A 17 14.03 3.72 -15.96
CA GLY A 17 12.83 4.48 -15.65
C GLY A 17 11.75 4.31 -16.69
N LEU A 18 10.62 4.97 -16.47
CA LEU A 18 9.49 4.96 -17.38
C LEU A 18 9.18 6.40 -17.80
N ARG A 19 8.83 6.59 -19.08
CA ARG A 19 8.56 7.93 -19.62
C ARG A 19 7.42 7.87 -20.64
N ALA A 20 6.81 9.03 -20.88
CA ALA A 20 5.63 9.07 -21.73
C ALA A 20 6.02 8.96 -23.21
N VAL A 21 5.26 8.17 -23.95
CA VAL A 21 5.42 8.08 -25.41
C VAL A 21 4.50 9.11 -26.09
N THR A 22 3.34 9.39 -25.49
CA THR A 22 2.42 10.42 -25.97
C THR A 22 2.06 11.38 -24.81
N PRO A 23 1.45 12.53 -25.12
CA PRO A 23 0.99 13.38 -24.02
C PRO A 23 -0.06 12.65 -23.19
N LEU A 24 -0.06 12.88 -21.89
CA LEU A 24 -0.98 12.21 -20.98
C LEU A 24 -1.76 13.23 -20.17
N ARG A 25 -3.07 13.01 -20.07
CA ARG A 25 -3.93 13.92 -19.32
C ARG A 25 -4.18 13.34 -17.93
N PRO A 26 -4.52 14.19 -16.96
CA PRO A 26 -4.77 13.69 -15.61
C PRO A 26 -5.87 12.63 -15.63
N GLY A 27 -5.66 11.54 -14.89
CA GLY A 27 -6.61 10.43 -14.85
C GLY A 27 -6.49 9.39 -15.94
N GLU A 28 -5.49 9.50 -16.81
CA GLU A 28 -5.36 8.57 -17.93
C GLU A 28 -4.75 7.25 -17.47
N LEU A 29 -5.30 6.12 -17.95
CA LEU A 29 -4.83 4.82 -17.53
C LEU A 29 -3.60 4.43 -18.35
N LEU A 30 -2.51 4.19 -17.63
CA LEU A 30 -1.21 3.99 -18.24
C LEU A 30 -0.83 2.51 -18.30
N PHE A 31 -1.22 1.75 -17.27
CA PHE A 31 -0.86 0.35 -17.18
C PHE A 31 -1.69 -0.30 -16.10
N ARG A 32 -2.05 -1.56 -16.32
CA ARG A 32 -2.74 -2.34 -15.30
C ARG A 32 -2.09 -3.69 -15.17
N SER A 33 -2.08 -4.23 -13.96
CA SER A 33 -1.30 -5.44 -13.69
C SER A 33 -1.77 -6.24 -12.48
N ASP A 34 -1.83 -7.56 -12.66
CA ASP A 34 -1.89 -8.48 -11.54
C ASP A 34 -0.44 -8.68 -11.07
N PRO A 35 -0.24 -9.09 -9.80
CA PRO A 35 1.10 -9.37 -9.33
C PRO A 35 1.76 -10.53 -10.05
N LEU A 36 3.07 -10.48 -10.19
CA LEU A 36 3.85 -11.69 -10.43
C LEU A 36 3.58 -12.69 -9.31
N ALA A 37 3.61 -12.18 -8.08
CA ALA A 37 3.38 -12.97 -6.89
C ALA A 37 2.87 -12.05 -5.80
N TYR A 38 2.05 -12.58 -4.90
CA TYR A 38 1.52 -11.78 -3.81
C TYR A 38 1.03 -12.62 -2.65
N THR A 39 0.96 -12.00 -1.49
CA THR A 39 0.46 -12.67 -0.31
C THR A 39 -0.11 -11.71 0.72
N VAL A 40 -0.83 -12.28 1.66
CA VAL A 40 -1.44 -11.54 2.74
C VAL A 40 -0.35 -11.12 3.74
N CYS A 41 -0.49 -9.94 4.31
CA CYS A 41 0.41 -9.47 5.36
C CYS A 41 0.15 -10.26 6.62
N LYS A 42 1.19 -10.39 7.42
CA LYS A 42 1.13 -11.16 8.65
C LYS A 42 -0.06 -10.80 9.55
N GLY A 43 -0.36 -9.51 9.66
CA GLY A 43 -1.46 -9.03 10.51
C GLY A 43 -2.86 -9.20 9.94
N SER A 44 -2.96 -9.30 8.61
CA SER A 44 -4.25 -9.49 7.94
C SER A 44 -4.55 -10.96 7.63
N ARG A 45 -3.60 -11.84 7.95
CA ARG A 45 -3.79 -13.28 7.81
C ARG A 45 -4.96 -13.73 8.66
N GLY A 46 -5.86 -14.50 8.06
CA GLY A 46 -7.04 -14.96 8.77
C GLY A 46 -8.14 -13.92 8.92
N VAL A 47 -7.90 -12.70 8.41
CA VAL A 47 -8.88 -11.63 8.46
C VAL A 47 -9.36 -11.26 7.06
N VAL A 48 -8.46 -11.26 6.06
CA VAL A 48 -8.85 -11.12 4.66
C VAL A 48 -8.56 -12.38 3.87
N CYS A 49 -9.35 -12.59 2.83
CA CYS A 49 -9.17 -13.71 1.92
C CYS A 49 -7.79 -13.68 1.26
N ASP A 50 -7.10 -14.82 1.26
CA ASP A 50 -5.75 -14.90 0.68
C ASP A 50 -5.73 -14.51 -0.78
N ARG A 51 -6.80 -14.82 -1.52
CA ARG A 51 -6.80 -14.51 -2.95
C ARG A 51 -7.23 -13.08 -3.27
N CYS A 52 -8.46 -12.71 -2.93
CA CYS A 52 -9.04 -11.42 -3.34
C CYS A 52 -8.79 -10.29 -2.33
N LEU A 53 -8.24 -10.61 -1.17
CA LEU A 53 -7.84 -9.61 -0.18
C LEU A 53 -8.99 -8.74 0.34
N LEU A 54 -10.17 -9.33 0.49
CA LEU A 54 -11.33 -8.68 1.11
C LEU A 54 -11.58 -9.29 2.50
N GLY A 55 -12.02 -8.45 3.42
CA GLY A 55 -12.42 -8.90 4.74
C GLY A 55 -13.75 -9.63 4.69
N LYS A 56 -13.82 -10.71 5.45
CA LYS A 56 -15.09 -11.35 5.82
C LYS A 56 -14.97 -11.77 7.28
N GLU A 57 -16.09 -11.79 8.00
CA GLU A 57 -16.09 -12.20 9.42
C GLU A 57 -15.85 -13.69 9.57
N LYS A 58 -16.26 -14.45 8.55
CA LYS A 58 -16.05 -15.89 8.49
C LYS A 58 -15.30 -16.26 7.21
N LEU A 59 -14.07 -16.74 7.38
CA LEU A 59 -13.28 -17.28 6.28
C LEU A 59 -13.21 -18.80 6.35
N MET A 60 -13.13 -19.44 5.19
CA MET A 60 -12.85 -20.87 5.12
C MET A 60 -11.34 -21.06 5.07
N ARG A 61 -10.81 -22.06 5.76
CA ARG A 61 -9.37 -22.33 5.71
C ARG A 61 -9.00 -23.53 4.82
N CYS A 62 -7.82 -23.48 4.24
CA CYS A 62 -7.24 -24.63 3.56
C CYS A 62 -7.00 -25.72 4.60
N SER A 63 -7.58 -26.89 4.39
CA SER A 63 -7.57 -27.92 5.42
C SER A 63 -6.21 -28.60 5.57
N GLN A 64 -5.41 -28.60 4.50
CA GLN A 64 -4.06 -29.16 4.55
C GLN A 64 -3.17 -28.35 5.51
N CYS A 65 -3.00 -27.06 5.23
CA CYS A 65 -2.09 -26.24 6.04
C CYS A 65 -2.80 -25.52 7.16
N ARG A 66 -4.06 -25.16 6.94
CA ARG A 66 -4.86 -24.37 7.89
C ARG A 66 -4.25 -22.98 8.16
N VAL A 67 -3.49 -22.49 7.19
CA VAL A 67 -2.89 -21.15 7.23
C VAL A 67 -3.52 -20.26 6.16
N ALA A 68 -3.60 -20.77 4.93
CA ALA A 68 -4.31 -20.07 3.86
C ALA A 68 -5.82 -20.11 4.12
N LYS A 69 -6.47 -18.97 4.11
CA LYS A 69 -7.91 -18.86 4.38
C LYS A 69 -8.60 -18.07 3.29
N TYR A 70 -9.91 -18.24 3.15
CA TYR A 70 -10.62 -17.73 1.98
C TYR A 70 -12.06 -17.32 2.24
N CYS A 71 -12.49 -16.31 1.46
CA CYS A 71 -13.86 -15.80 1.55
C CYS A 71 -14.87 -16.82 1.03
N SER A 72 -14.43 -17.70 0.14
CA SER A 72 -15.33 -18.55 -0.61
C SER A 72 -14.60 -19.72 -1.26
N ALA A 73 -15.40 -20.72 -1.65
CA ALA A 73 -14.95 -21.85 -2.44
C ALA A 73 -14.31 -21.42 -3.75
N LYS A 74 -14.89 -20.38 -4.37
CA LYS A 74 -14.37 -19.84 -5.62
C LYS A 74 -12.92 -19.41 -5.49
N CYS A 75 -12.64 -18.60 -4.47
CA CYS A 75 -11.31 -18.06 -4.30
C CYS A 75 -10.34 -19.16 -3.90
N GLN A 76 -10.75 -20.05 -2.98
CA GLN A 76 -9.93 -21.18 -2.55
C GLN A 76 -9.53 -22.10 -3.72
N LYS A 77 -10.49 -22.45 -4.57
CA LYS A 77 -10.18 -23.32 -5.71
C LYS A 77 -9.25 -22.63 -6.71
N LYS A 78 -9.52 -21.38 -7.03
CA LYS A 78 -8.68 -20.62 -7.98
C LYS A 78 -7.29 -20.28 -7.44
N ALA A 79 -7.15 -20.17 -6.11
CA ALA A 79 -5.84 -19.88 -5.53
C ALA A 79 -4.96 -21.12 -5.50
N TRP A 80 -5.56 -22.29 -5.71
CA TRP A 80 -4.86 -23.55 -5.48
C TRP A 80 -3.57 -23.69 -6.31
N PRO A 81 -3.63 -23.47 -7.64
CA PRO A 81 -2.39 -23.54 -8.43
C PRO A 81 -1.19 -22.80 -7.83
N ASP A 82 -1.40 -21.55 -7.42
CA ASP A 82 -0.31 -20.75 -6.84
C ASP A 82 -0.11 -20.98 -5.34
N HIS A 83 -0.97 -21.79 -4.72
CA HIS A 83 -0.85 -22.16 -3.31
C HIS A 83 -0.28 -23.56 -3.07
N LYS A 84 -0.49 -24.48 -4.04
CA LYS A 84 -0.06 -25.90 -3.94
C LYS A 84 1.19 -26.11 -3.13
N ARG A 85 2.26 -25.52 -3.64
CA ARG A 85 3.59 -25.91 -3.25
C ARG A 85 4.01 -25.22 -1.95
N GLU A 86 3.42 -24.06 -1.66
CA GLU A 86 3.70 -23.38 -0.38
C GLU A 86 2.92 -24.02 0.76
N CYS A 87 1.85 -24.74 0.41
CA CYS A 87 1.00 -25.38 1.41
C CYS A 87 1.79 -26.23 2.41
N LYS A 88 2.54 -27.17 1.87
CA LYS A 88 3.35 -28.09 2.67
C LYS A 88 4.30 -27.31 3.58
N CYS A 89 5.04 -26.38 2.97
CA CYS A 89 5.99 -25.54 3.68
C CYS A 89 5.33 -24.84 4.89
N LEU A 90 4.15 -24.28 4.67
CA LEU A 90 3.41 -23.57 5.72
C LEU A 90 2.94 -24.51 6.82
N LYS A 91 2.50 -25.71 6.42
CA LYS A 91 2.07 -26.74 7.37
C LYS A 91 3.18 -27.02 8.38
N SER A 92 4.34 -27.43 7.87
CA SER A 92 5.46 -27.86 8.71
C SER A 92 6.07 -26.73 9.53
N CYS A 93 5.91 -25.50 9.06
CA CYS A 93 6.44 -24.32 9.73
C CYS A 93 5.67 -24.03 11.03
N LYS A 94 4.39 -24.40 11.07
CA LYS A 94 3.50 -24.09 12.22
C LYS A 94 4.07 -24.61 13.55
N PRO A 95 3.78 -23.92 14.66
CA PRO A 95 2.87 -22.77 14.75
C PRO A 95 3.54 -21.42 14.49
N ARG A 96 4.75 -21.44 13.93
CA ARG A 96 5.50 -20.22 13.69
C ARG A 96 5.42 -19.89 12.19
N TYR A 97 5.26 -18.61 11.88
CA TYR A 97 4.87 -18.16 10.52
C TYR A 97 6.01 -17.36 9.88
N PRO A 98 6.33 -17.64 8.59
CA PRO A 98 7.47 -16.97 7.97
C PRO A 98 7.25 -15.47 7.77
N PRO A 99 8.35 -14.70 7.70
CA PRO A 99 8.20 -13.30 7.32
C PRO A 99 7.57 -13.18 5.95
N ASP A 100 6.78 -12.13 5.77
CA ASP A 100 6.01 -11.93 4.56
C ASP A 100 6.88 -12.00 3.29
N SER A 101 8.08 -11.44 3.38
CA SER A 101 9.04 -11.44 2.28
C SER A 101 9.45 -12.84 1.83
N VAL A 102 9.50 -13.78 2.78
CA VAL A 102 9.91 -15.16 2.48
C VAL A 102 8.80 -15.90 1.76
N ARG A 103 7.58 -15.76 2.27
CA ARG A 103 6.42 -16.35 1.62
C ARG A 103 6.27 -15.78 0.21
N LEU A 104 6.43 -14.46 0.09
CA LEU A 104 6.36 -13.79 -1.21
C LEU A 104 7.39 -14.34 -2.20
N LEU A 105 8.65 -14.43 -1.78
CA LEU A 105 9.71 -14.95 -2.64
C LEU A 105 9.44 -16.40 -3.02
N GLY A 106 8.93 -17.18 -2.07
CA GLY A 106 8.48 -18.53 -2.37
C GLY A 106 7.54 -18.59 -3.58
N ARG A 107 6.52 -17.73 -3.55
CA ARG A 107 5.56 -17.64 -4.63
C ARG A 107 6.19 -17.16 -5.93
N VAL A 108 7.19 -16.30 -5.82
CA VAL A 108 7.96 -15.85 -6.99
C VAL A 108 8.67 -17.03 -7.63
N VAL A 109 9.38 -17.79 -6.81
CA VAL A 109 10.13 -18.95 -7.28
C VAL A 109 9.22 -20.02 -7.89
N PHE A 110 8.00 -20.16 -7.38
CA PHE A 110 7.06 -21.14 -7.92
C PHE A 110 6.50 -20.63 -9.24
N LYS A 111 6.12 -19.35 -9.28
CA LYS A 111 5.61 -18.74 -10.49
C LYS A 111 6.62 -18.80 -11.64
N LEU A 112 7.87 -18.47 -11.34
CA LEU A 112 8.93 -18.51 -12.36
C LEU A 112 9.22 -19.93 -12.85
N MET A 113 9.22 -20.88 -11.92
CA MET A 113 9.50 -22.28 -12.23
C MET A 113 8.35 -22.99 -12.96
N ASP A 114 7.12 -22.81 -12.44
CA ASP A 114 5.94 -23.60 -12.86
C ASP A 114 4.97 -22.86 -13.75
N GLY A 115 4.99 -21.53 -13.70
CA GLY A 115 3.97 -20.71 -14.35
C GLY A 115 4.39 -20.19 -15.71
N ALA A 116 3.38 -19.91 -16.53
CA ALA A 116 3.60 -19.29 -17.82
C ALA A 116 4.18 -17.90 -17.59
N PRO A 117 4.73 -17.29 -18.66
CA PRO A 117 5.27 -15.96 -18.45
C PRO A 117 4.17 -14.98 -18.06
N SER A 118 4.44 -14.24 -16.98
CA SER A 118 3.46 -13.34 -16.40
C SER A 118 3.34 -12.05 -17.20
N GLU A 119 2.12 -11.52 -17.25
CA GLU A 119 1.83 -10.23 -17.85
C GLU A 119 2.47 -9.07 -17.08
N SER A 120 2.55 -9.22 -15.76
CA SER A 120 3.23 -8.25 -14.89
C SER A 120 4.66 -7.93 -15.34
N GLU A 121 5.32 -8.85 -16.03
CA GLU A 121 6.69 -8.66 -16.47
C GLU A 121 6.86 -8.18 -17.93
N LYS A 122 5.82 -7.57 -18.50
CA LYS A 122 5.86 -7.16 -19.90
C LYS A 122 6.96 -6.13 -20.19
N LEU A 123 7.10 -5.13 -19.32
CA LEU A 123 8.10 -4.07 -19.54
C LEU A 123 9.41 -4.29 -18.82
N TYR A 124 9.38 -5.15 -17.82
CA TYR A 124 10.50 -5.31 -16.90
C TYR A 124 10.22 -6.61 -16.15
N SER A 125 11.20 -7.49 -16.04
CA SER A 125 11.00 -8.77 -15.33
C SER A 125 11.69 -8.75 -13.96
N PHE A 126 11.35 -9.74 -13.12
CA PHE A 126 12.04 -9.97 -11.87
C PHE A 126 13.56 -10.05 -12.09
N TYR A 127 13.96 -10.61 -13.23
CA TYR A 127 15.37 -10.70 -13.58
C TYR A 127 16.00 -9.31 -13.66
N ASP A 128 15.25 -8.31 -14.13
CA ASP A 128 15.80 -6.98 -14.36
C ASP A 128 15.82 -6.08 -13.13
N LEU A 129 15.07 -6.43 -12.08
CA LEU A 129 14.88 -5.55 -10.93
C LEU A 129 16.18 -5.07 -10.28
N GLU A 130 16.18 -3.83 -9.85
CA GLU A 130 17.30 -3.27 -9.12
C GLU A 130 17.47 -4.01 -7.80
N SER A 131 18.70 -4.40 -7.49
CA SER A 131 19.03 -5.03 -6.23
C SER A 131 19.79 -4.10 -5.25
N ASN A 132 20.37 -3.01 -5.76
CA ASN A 132 21.23 -2.09 -4.99
C ASN A 132 22.34 -2.78 -4.19
N ILE A 133 22.87 -3.86 -4.74
CA ILE A 133 23.78 -4.71 -3.99
C ILE A 133 25.06 -3.96 -3.56
N ASN A 134 25.62 -3.15 -4.46
CA ASN A 134 26.82 -2.38 -4.10
C ASN A 134 26.55 -1.18 -3.19
N LYS A 135 25.30 -0.97 -2.79
CA LYS A 135 24.97 0.10 -1.85
C LYS A 135 24.55 -0.39 -0.47
N LEU A 136 24.32 -1.70 -0.32
CA LEU A 136 23.82 -2.22 0.95
C LEU A 136 24.85 -2.08 2.05
N THR A 137 24.38 -1.74 3.24
CA THR A 137 25.24 -1.64 4.41
C THR A 137 25.45 -3.06 4.93
N GLU A 138 26.47 -3.23 5.76
CA GLU A 138 26.81 -4.55 6.30
C GLU A 138 25.67 -5.12 7.17
N ASP A 139 25.00 -4.29 7.96
CA ASP A 139 23.92 -4.86 8.78
C ASP A 139 22.66 -5.14 7.93
N LYS A 140 22.46 -4.40 6.85
CA LYS A 140 21.45 -4.78 5.86
C LYS A 140 21.82 -6.08 5.17
N LYS A 141 23.10 -6.25 4.84
CA LYS A 141 23.59 -7.52 4.29
C LYS A 141 23.27 -8.69 5.21
N GLU A 142 23.62 -8.52 6.48
CA GLU A 142 23.38 -9.51 7.53
C GLU A 142 21.90 -9.91 7.58
N GLY A 143 21.03 -8.91 7.51
CA GLY A 143 19.58 -9.13 7.46
C GLY A 143 19.18 -9.97 6.26
N LEU A 144 19.76 -9.67 5.10
CA LEU A 144 19.45 -10.45 3.90
C LEU A 144 19.90 -11.90 4.01
N ARG A 145 21.05 -12.12 4.66
CA ARG A 145 21.55 -13.47 4.86
C ARG A 145 20.67 -14.30 5.78
N GLN A 146 20.12 -13.66 6.81
CA GLN A 146 19.12 -14.31 7.67
C GLN A 146 17.87 -14.70 6.88
N LEU A 147 17.42 -13.82 5.99
CA LEU A 147 16.24 -14.10 5.16
C LEU A 147 16.51 -15.23 4.17
N VAL A 148 17.74 -15.31 3.68
CA VAL A 148 18.16 -16.39 2.79
C VAL A 148 18.08 -17.75 3.48
N MET A 149 18.53 -17.80 4.74
CA MET A 149 18.56 -19.04 5.51
C MET A 149 17.16 -19.38 5.99
N THR A 150 16.39 -18.36 6.35
CA THR A 150 14.99 -18.55 6.64
C THR A 150 14.29 -19.17 5.43
N PHE A 151 14.56 -18.66 4.24
CA PHE A 151 13.98 -19.23 3.01
C PHE A 151 14.34 -20.71 2.88
N GLN A 152 15.62 -21.05 3.06
CA GLN A 152 16.08 -22.42 2.84
C GLN A 152 15.40 -23.40 3.79
N HIS A 153 15.30 -23.00 5.05
CA HIS A 153 14.55 -23.73 6.03
C HIS A 153 13.06 -23.86 5.64
N PHE A 154 12.43 -22.75 5.30
CA PHE A 154 11.01 -22.76 4.93
C PHE A 154 10.76 -23.61 3.69
N MET A 155 11.74 -23.73 2.80
CA MET A 155 11.59 -24.44 1.53
C MET A 155 12.29 -25.79 1.48
N ARG A 156 12.80 -26.26 2.62
CA ARG A 156 13.54 -27.53 2.69
C ARG A 156 12.82 -28.70 2.00
N GLU A 157 11.49 -28.74 2.11
CA GLU A 157 10.69 -29.79 1.46
C GLU A 157 10.55 -29.62 -0.05
N GLU A 158 10.12 -28.44 -0.50
CA GLU A 158 9.83 -28.20 -1.93
C GLU A 158 11.05 -27.90 -2.78
N ILE A 159 12.06 -27.28 -2.18
CA ILE A 159 13.27 -26.91 -2.91
C ILE A 159 14.49 -27.40 -2.15
N GLN A 160 15.15 -28.42 -2.70
CA GLN A 160 16.33 -28.99 -2.07
C GLN A 160 17.63 -28.44 -2.65
N ASP A 161 17.66 -28.15 -3.95
CA ASP A 161 18.89 -27.76 -4.62
C ASP A 161 18.67 -26.68 -5.71
N ALA A 162 19.77 -26.34 -6.39
CA ALA A 162 19.78 -25.32 -7.44
C ALA A 162 18.87 -25.61 -8.64
N SER A 163 18.65 -26.88 -8.95
CA SER A 163 17.84 -27.26 -10.14
C SER A 163 16.36 -26.86 -10.02
N GLN A 164 15.89 -26.69 -8.78
CA GLN A 164 14.52 -26.26 -8.52
C GLN A 164 14.37 -24.73 -8.37
N LEU A 165 15.49 -24.00 -8.50
CA LEU A 165 15.46 -22.55 -8.67
C LEU A 165 15.61 -22.25 -10.16
N PRO A 166 15.25 -21.02 -10.58
CA PRO A 166 15.52 -20.65 -11.98
C PRO A 166 17.01 -20.66 -12.30
N PRO A 167 17.38 -20.55 -13.59
CA PRO A 167 18.80 -20.58 -13.95
C PRO A 167 19.64 -19.44 -13.37
N ALA A 168 20.77 -19.78 -12.75
CA ALA A 168 21.68 -18.80 -12.12
C ALA A 168 20.96 -17.91 -11.10
N PHE A 169 20.00 -18.49 -10.39
CA PHE A 169 19.23 -17.77 -9.39
C PHE A 169 20.04 -17.65 -8.11
N ASP A 170 20.20 -16.43 -7.61
CA ASP A 170 20.92 -16.17 -6.36
C ASP A 170 19.93 -15.62 -5.35
N LEU A 171 19.68 -16.40 -4.30
CA LEU A 171 18.72 -16.07 -3.25
C LEU A 171 18.99 -14.76 -2.52
N PHE A 172 20.26 -14.49 -2.26
CA PHE A 172 20.66 -13.22 -1.66
C PHE A 172 20.28 -12.03 -2.56
N GLU A 173 20.64 -12.13 -3.83
CA GLU A 173 20.29 -11.10 -4.81
C GLU A 173 18.78 -10.91 -4.88
N ALA A 174 18.04 -12.02 -4.81
CA ALA A 174 16.60 -11.99 -4.97
C ALA A 174 15.91 -11.34 -3.78
N PHE A 175 16.43 -11.56 -2.58
CA PHE A 175 15.90 -10.86 -1.42
C PHE A 175 16.25 -9.38 -1.48
N ALA A 176 17.44 -9.09 -1.97
CA ALA A 176 17.80 -7.71 -2.20
C ALA A 176 16.79 -7.05 -3.14
N LYS A 177 16.40 -7.75 -4.21
CA LYS A 177 15.34 -7.22 -5.10
C LYS A 177 14.04 -6.99 -4.35
N VAL A 178 13.64 -7.98 -3.56
CA VAL A 178 12.36 -7.95 -2.85
C VAL A 178 12.21 -6.78 -1.89
N ILE A 179 13.28 -6.37 -1.23
CA ILE A 179 13.17 -5.30 -0.24
C ILE A 179 12.84 -3.97 -0.88
N CYS A 180 13.42 -3.70 -2.04
CA CYS A 180 13.19 -2.43 -2.69
C CYS A 180 12.27 -2.51 -3.92
N ASN A 181 11.57 -3.63 -4.12
CA ASN A 181 10.55 -3.70 -5.18
C ASN A 181 9.21 -4.29 -4.74
N SER A 182 9.03 -4.41 -3.44
CA SER A 182 7.78 -4.92 -2.86
C SER A 182 6.77 -3.81 -2.72
N PHE A 183 5.57 -4.02 -3.25
CA PHE A 183 4.45 -3.07 -3.09
C PHE A 183 3.59 -3.48 -1.92
N THR A 184 3.19 -2.54 -1.08
CA THR A 184 2.21 -2.81 -0.07
C THR A 184 0.84 -2.64 -0.70
N ILE A 185 0.09 -3.73 -0.73
CA ILE A 185 -1.23 -3.74 -1.33
C ILE A 185 -2.22 -3.25 -0.30
N CYS A 186 -2.96 -2.19 -0.64
CA CYS A 186 -3.99 -1.63 0.24
C CYS A 186 -5.37 -1.95 -0.30
N ASN A 187 -6.31 -2.14 0.62
CA ASN A 187 -7.71 -2.39 0.25
C ASN A 187 -8.42 -1.09 -0.11
N ALA A 188 -9.72 -1.16 -0.37
CA ALA A 188 -10.48 0.02 -0.81
C ALA A 188 -10.49 1.12 0.24
N GLU A 189 -10.45 0.75 1.51
CA GLU A 189 -10.46 1.69 2.62
C GLU A 189 -9.04 2.09 3.04
N MET A 190 -8.06 1.73 2.21
CA MET A 190 -6.68 2.15 2.38
C MET A 190 -5.97 1.54 3.61
N GLN A 191 -6.45 0.38 4.04
CA GLN A 191 -5.72 -0.42 5.03
CA GLN A 191 -5.78 -0.49 5.02
C GLN A 191 -4.73 -1.33 4.31
N GLU A 192 -3.52 -1.40 4.86
CA GLU A 192 -2.50 -2.26 4.31
C GLU A 192 -2.96 -3.70 4.50
N VAL A 193 -3.14 -4.45 3.41
CA VAL A 193 -3.63 -5.85 3.50
C VAL A 193 -2.71 -6.95 2.93
N GLY A 194 -1.72 -6.58 2.11
CA GLY A 194 -0.85 -7.58 1.50
C GLY A 194 0.43 -7.00 0.93
N VAL A 195 1.24 -7.88 0.33
CA VAL A 195 2.51 -7.47 -0.25
C VAL A 195 2.70 -8.23 -1.57
N GLY A 196 3.18 -7.54 -2.60
CA GLY A 196 3.29 -8.14 -3.93
C GLY A 196 4.42 -7.57 -4.76
N LEU A 197 4.75 -8.27 -5.83
CA LEU A 197 5.69 -7.77 -6.80
C LEU A 197 4.93 -7.51 -8.07
N TYR A 198 5.18 -6.35 -8.65
CA TYR A 198 4.66 -5.93 -9.94
C TYR A 198 5.82 -5.35 -10.75
N PRO A 199 6.64 -6.22 -11.36
CA PRO A 199 7.92 -5.76 -11.91
C PRO A 199 7.90 -4.63 -12.94
N SER A 200 6.88 -4.60 -13.81
CA SER A 200 6.70 -3.48 -14.74
C SER A 200 6.46 -2.15 -14.01
N ILE A 201 5.72 -2.20 -12.91
CA ILE A 201 5.46 -1.01 -12.15
C ILE A 201 6.73 -0.59 -11.40
N SER A 202 7.59 -1.55 -11.08
CA SER A 202 8.85 -1.21 -10.42
C SER A 202 9.83 -0.40 -11.27
N LEU A 203 9.50 -0.14 -12.54
CA LEU A 203 10.28 0.77 -13.38
C LEU A 203 10.15 2.21 -12.93
N LEU A 204 9.00 2.58 -12.41
CA LEU A 204 8.76 3.98 -12.05
C LEU A 204 9.68 4.40 -10.90
N ASN A 205 10.39 5.51 -11.12
CA ASN A 205 11.24 6.09 -10.09
C ASN A 205 10.41 6.97 -9.15
N HIS A 206 11.03 7.44 -8.08
CA HIS A 206 10.32 8.08 -6.98
C HIS A 206 10.33 9.59 -7.08
N SER A 207 9.23 10.22 -6.70
CA SER A 207 9.23 11.66 -6.43
C SER A 207 8.28 11.96 -5.29
N CYS A 208 8.68 12.89 -4.42
CA CYS A 208 7.81 13.40 -3.35
C CYS A 208 6.72 14.33 -3.90
N ASP A 209 6.77 14.61 -5.20
CA ASP A 209 5.70 15.31 -5.88
C ASP A 209 5.50 14.65 -7.25
N PRO A 210 4.80 13.52 -7.25
CA PRO A 210 4.78 12.68 -8.43
C PRO A 210 3.79 13.14 -9.49
N ASN A 211 3.94 12.63 -10.70
CA ASN A 211 2.98 12.89 -11.78
C ASN A 211 2.05 11.71 -12.08
N CYS A 212 2.33 10.55 -11.48
CA CYS A 212 1.45 9.41 -11.59
C CYS A 212 1.04 8.91 -10.22
N SER A 213 0.09 7.99 -10.24
CA SER A 213 -0.37 7.34 -9.04
C SER A 213 -0.73 5.89 -9.31
N ILE A 214 -0.61 5.09 -8.26
CA ILE A 214 -1.02 3.70 -8.29
C ILE A 214 -2.12 3.48 -7.29
N VAL A 215 -3.03 2.59 -7.62
CA VAL A 215 -4.11 2.30 -6.71
C VAL A 215 -4.44 0.82 -6.89
N PHE A 216 -4.83 0.17 -5.81
CA PHE A 216 -5.11 -1.27 -5.81
C PHE A 216 -6.60 -1.56 -5.72
N ASN A 217 -7.04 -2.50 -6.56
CA ASN A 217 -8.40 -3.03 -6.57
C ASN A 217 -8.26 -4.54 -6.28
N GLY A 218 -8.28 -4.89 -5.00
CA GLY A 218 -7.77 -6.19 -4.56
C GLY A 218 -6.27 -6.24 -4.88
N PRO A 219 -5.80 -7.36 -5.46
CA PRO A 219 -4.40 -7.47 -5.91
C PRO A 219 -4.09 -6.81 -7.25
N HIS A 220 -5.14 -6.38 -7.95
CA HIS A 220 -4.97 -5.72 -9.24
C HIS A 220 -4.60 -4.24 -9.02
N LEU A 221 -3.56 -3.80 -9.71
CA LEU A 221 -2.99 -2.47 -9.54
C LEU A 221 -3.31 -1.67 -10.80
N LEU A 222 -3.72 -0.43 -10.61
CA LEU A 222 -3.96 0.49 -11.73
C LEU A 222 -3.00 1.65 -11.60
N LEU A 223 -2.28 1.95 -12.69
CA LEU A 223 -1.36 3.07 -12.77
C LEU A 223 -1.95 4.17 -13.62
N ARG A 224 -2.12 5.36 -13.05
CA ARG A 224 -2.73 6.47 -13.77
C ARG A 224 -1.89 7.74 -13.69
N ALA A 225 -2.05 8.63 -14.68
CA ALA A 225 -1.44 9.97 -14.60
C ALA A 225 -2.31 10.82 -13.72
N VAL A 226 -1.69 11.61 -12.84
CA VAL A 226 -2.43 12.57 -12.01
C VAL A 226 -2.05 14.01 -12.31
N ARG A 227 -1.32 14.21 -13.41
CA ARG A 227 -0.94 15.52 -13.91
C ARG A 227 -0.83 15.45 -15.43
N ASP A 228 -0.63 16.60 -16.07
CA ASP A 228 -0.30 16.63 -17.48
C ASP A 228 1.12 16.14 -17.62
N ILE A 229 1.38 15.38 -18.69
CA ILE A 229 2.70 14.82 -18.91
C ILE A 229 3.03 14.83 -20.39
N GLU A 230 4.20 15.36 -20.72
CA GLU A 230 4.60 15.63 -22.09
C GLU A 230 5.36 14.45 -22.63
N VAL A 231 5.39 14.31 -23.96
CA VAL A 231 6.14 13.24 -24.60
C VAL A 231 7.59 13.31 -24.14
N GLY A 232 8.11 12.19 -23.66
CA GLY A 232 9.51 12.09 -23.22
C GLY A 232 9.73 12.40 -21.75
N GLU A 233 8.67 12.78 -21.04
CA GLU A 233 8.79 13.15 -19.64
C GLU A 233 8.76 11.90 -18.75
N GLU A 234 9.64 11.87 -17.75
CA GLU A 234 9.69 10.75 -16.81
C GLU A 234 8.40 10.67 -16.01
N LEU A 235 7.89 9.45 -15.87
CA LEU A 235 6.74 9.18 -15.01
C LEU A 235 7.29 8.87 -13.62
N THR A 236 6.61 9.35 -12.59
CA THR A 236 7.05 9.11 -11.21
C THR A 236 5.85 8.87 -10.32
N ILE A 237 6.07 8.07 -9.27
CA ILE A 237 5.09 7.89 -8.19
C ILE A 237 5.82 8.13 -6.87
N CYS A 238 5.05 8.39 -5.83
CA CYS A 238 5.61 8.56 -4.50
C CYS A 238 5.63 7.20 -3.82
N TYR A 239 6.83 6.69 -3.58
CA TYR A 239 7.03 5.46 -2.85
C TYR A 239 6.48 5.52 -1.42
N LEU A 240 6.31 6.72 -0.86
CA LEU A 240 6.06 6.86 0.58
C LEU A 240 4.69 7.41 0.97
N ASP A 241 4.37 7.22 2.25
CA ASP A 241 3.29 7.92 2.92
C ASP A 241 3.53 9.43 2.85
N MET A 242 2.51 10.20 2.49
CA MET A 242 2.65 11.67 2.41
C MET A 242 2.81 12.32 3.78
N LEU A 243 2.35 11.65 4.83
CA LEU A 243 2.42 12.22 6.18
C LEU A 243 3.72 11.85 6.84
N MET A 244 4.80 12.35 6.25
CA MET A 244 6.17 12.16 6.70
C MET A 244 6.94 13.46 6.49
N THR A 245 7.90 13.71 7.38
CA THR A 245 8.79 14.85 7.23
C THR A 245 9.88 14.44 6.28
N SER A 246 10.56 15.42 5.70
CA SER A 246 11.69 15.17 4.81
C SER A 246 12.78 14.33 5.48
N GLU A 247 13.00 14.55 6.77
CA GLU A 247 13.94 13.71 7.53
C GLU A 247 13.44 12.26 7.55
N GLU A 248 12.16 12.06 7.81
CA GLU A 248 11.60 10.71 7.81
C GLU A 248 11.67 10.09 6.40
N ARG A 249 11.41 10.89 5.37
CA ARG A 249 11.54 10.41 3.99
C ARG A 249 12.99 10.05 3.66
N ARG A 250 13.94 10.85 4.15
CA ARG A 250 15.36 10.63 3.91
C ARG A 250 15.77 9.26 4.43
N LYS A 251 15.42 8.99 5.68
CA LYS A 251 15.80 7.73 6.31
C LYS A 251 15.22 6.51 5.58
N GLN A 252 13.94 6.54 5.24
CA GLN A 252 13.34 5.37 4.59
C GLN A 252 13.88 5.16 3.17
N LEU A 253 14.11 6.25 2.43
CA LEU A 253 14.64 6.15 1.08
C LEU A 253 16.10 5.67 1.07
N ARG A 254 16.84 6.01 2.13
CA ARG A 254 18.17 5.45 2.33
C ARG A 254 18.09 3.98 2.72
N ASP A 255 17.41 3.70 3.83
CA ASP A 255 17.35 2.34 4.39
C ASP A 255 16.80 1.30 3.40
N GLN A 256 15.74 1.65 2.68
CA GLN A 256 14.99 0.70 1.88
C GLN A 256 15.34 0.74 0.39
N TYR A 257 15.65 1.92 -0.13
CA TYR A 257 15.82 2.12 -1.56
C TYR A 257 17.21 2.63 -1.98
N CYS A 258 18.06 2.92 -0.99
CA CYS A 258 19.46 3.23 -1.27
C CYS A 258 19.69 4.41 -2.20
N PHE A 259 18.91 5.47 -2.03
CA PHE A 259 19.18 6.70 -2.77
C PHE A 259 18.82 7.92 -1.94
N GLU A 260 19.38 9.04 -2.37
CA GLU A 260 19.22 10.33 -1.73
C GLU A 260 18.31 11.16 -2.63
N CYS A 261 17.18 11.61 -2.12
CA CYS A 261 16.23 12.33 -2.96
C CYS A 261 16.66 13.79 -3.19
N ASP A 262 16.77 14.17 -4.47
CA ASP A 262 17.21 15.54 -4.85
C ASP A 262 16.05 16.50 -5.19
N CYS A 263 14.81 16.09 -4.91
CA CYS A 263 13.64 16.83 -5.36
C CYS A 263 13.46 18.13 -4.58
N PHE A 264 12.67 19.06 -5.15
CA PHE A 264 12.42 20.37 -4.54
C PHE A 264 11.94 20.31 -3.09
N ARG A 265 11.02 19.40 -2.83
CA ARG A 265 10.42 19.27 -1.52
C ARG A 265 11.45 18.87 -0.47
N CYS A 266 12.36 17.98 -0.86
CA CYS A 266 13.39 17.54 0.06
C CYS A 266 14.43 18.66 0.23
N GLN A 267 14.74 19.35 -0.86
CA GLN A 267 15.66 20.49 -0.79
C GLN A 267 15.19 21.61 0.15
N THR A 268 13.87 21.87 0.18
CA THR A 268 13.32 22.99 0.97
C THR A 268 12.63 22.59 2.27
N GLN A 269 12.67 21.31 2.63
CA GLN A 269 11.96 20.82 3.82
C GLN A 269 10.48 21.24 3.73
N ASP A 270 9.94 21.09 2.52
CA ASP A 270 8.62 21.57 2.19
C ASP A 270 7.55 21.00 3.11
N LYS A 271 6.86 21.91 3.80
CA LYS A 271 5.77 21.61 4.74
C LYS A 271 6.20 21.03 6.08
N ASP A 272 7.49 20.72 6.26
CA ASP A 272 7.99 20.13 7.52
C ASP A 272 7.58 20.89 8.77
N ALA A 273 7.72 22.21 8.74
CA ALA A 273 7.39 23.04 9.91
C ALA A 273 5.92 22.90 10.33
N ASP A 274 5.02 22.96 9.36
CA ASP A 274 3.58 22.80 9.63
C ASP A 274 3.23 21.41 10.13
N MET A 275 3.91 20.39 9.59
CA MET A 275 3.71 19.01 10.06
C MET A 275 4.07 18.79 11.53
N LEU A 276 4.91 19.66 12.09
CA LEU A 276 5.43 19.48 13.44
C LEU A 276 5.02 20.61 14.39
N THR A 277 3.86 21.22 14.15
CA THR A 277 3.37 22.26 15.06
C THR A 277 2.81 21.65 16.34
N GLY A 278 2.86 22.45 17.42
CA GLY A 278 2.39 22.01 18.73
C GLY A 278 3.57 21.72 19.62
N ASP A 279 3.30 21.34 20.87
CA ASP A 279 4.35 21.11 21.84
C ASP A 279 5.14 19.88 21.40
N GLU A 280 6.44 20.10 21.14
CA GLU A 280 7.34 19.04 20.68
C GLU A 280 7.29 17.81 21.58
N GLN A 281 7.38 18.04 22.88
CA GLN A 281 7.27 17.00 23.90
C GLN A 281 6.02 16.16 23.73
N VAL A 282 4.87 16.80 23.53
CA VAL A 282 3.64 16.07 23.36
C VAL A 282 3.69 15.20 22.11
N TRP A 283 4.10 15.76 20.97
CA TRP A 283 4.06 14.97 19.73
C TRP A 283 5.11 13.86 19.63
N LYS A 284 6.11 13.87 20.51
CA LYS A 284 7.04 12.74 20.58
C LYS A 284 6.45 11.56 21.35
N GLU A 285 5.66 11.83 22.39
CA GLU A 285 4.92 10.77 23.08
C GLU A 285 3.88 10.18 22.11
N VAL A 286 3.21 11.03 21.36
CA VAL A 286 2.17 10.58 20.43
C VAL A 286 2.79 9.75 19.31
N GLN A 287 3.94 10.18 18.84
CA GLN A 287 4.72 9.41 17.88
C GLN A 287 5.11 8.05 18.46
N GLU A 288 5.61 8.05 19.69
CA GLU A 288 5.89 6.80 20.38
C GLU A 288 4.66 5.91 20.40
N SER A 289 3.56 6.44 20.94
CA SER A 289 2.31 5.69 21.08
C SER A 289 1.75 5.16 19.75
N LEU A 290 2.00 5.87 18.65
CA LEU A 290 1.52 5.42 17.33
C LEU A 290 2.12 4.10 16.88
N LYS A 291 3.30 3.74 17.36
CA LYS A 291 3.88 2.44 17.02
C LYS A 291 2.95 1.33 17.49
N LYS A 292 2.47 1.45 18.73
CA LYS A 292 1.54 0.49 19.30
C LYS A 292 0.20 0.54 18.59
N ILE A 293 -0.33 1.75 18.41
CA ILE A 293 -1.59 1.97 17.69
C ILE A 293 -1.60 1.36 16.30
N GLU A 294 -0.54 1.61 15.54
CA GLU A 294 -0.46 1.13 14.16
C GLU A 294 -0.31 -0.40 14.13
N GLU A 295 0.35 -0.97 15.14
CA GLU A 295 0.44 -2.43 15.29
C GLU A 295 -0.94 -3.04 15.54
N LEU A 296 -1.69 -2.45 16.46
CA LEU A 296 -3.05 -2.92 16.75
C LEU A 296 -3.93 -2.83 15.50
N LYS A 297 -3.76 -1.76 14.74
CA LYS A 297 -4.56 -1.54 13.55
C LYS A 297 -4.24 -2.56 12.46
N ALA A 298 -2.95 -2.89 12.28
CA ALA A 298 -2.53 -3.90 11.30
C ALA A 298 -3.10 -5.30 11.61
N HIS A 299 -3.40 -5.53 12.88
CA HIS A 299 -4.07 -6.74 13.32
C HIS A 299 -5.60 -6.55 13.49
N TRP A 300 -6.11 -5.40 13.06
CA TRP A 300 -7.55 -5.09 13.07
C TRP A 300 -8.18 -5.10 14.46
N LYS A 301 -7.42 -4.73 15.48
CA LYS A 301 -7.92 -4.74 16.85
C LYS A 301 -8.55 -3.39 17.22
N TRP A 302 -9.68 -3.13 16.58
CA TRP A 302 -10.29 -1.80 16.59
C TRP A 302 -10.60 -1.23 17.98
N GLU A 303 -11.11 -2.05 18.89
CA GLU A 303 -11.52 -1.52 20.19
C GLU A 303 -10.35 -0.95 20.95
N GLN A 304 -9.21 -1.63 20.84
CA GLN A 304 -7.98 -1.19 21.48
C GLN A 304 -7.37 0.00 20.75
N VAL A 305 -7.49 0.02 19.43
CA VAL A 305 -7.03 1.16 18.64
C VAL A 305 -7.73 2.42 19.14
N LEU A 306 -9.05 2.33 19.28
CA LEU A 306 -9.87 3.48 19.63
C LEU A 306 -9.58 3.95 21.06
N ALA A 307 -9.53 3.03 22.01
CA ALA A 307 -9.24 3.39 23.38
C ALA A 307 -7.92 4.18 23.48
N MET A 308 -6.91 3.73 22.76
CA MET A 308 -5.60 4.42 22.76
C MET A 308 -5.67 5.80 22.10
N CYS A 309 -6.38 5.87 20.98
CA CYS A 309 -6.60 7.13 20.27
C CYS A 309 -7.39 8.16 21.09
N GLN A 310 -8.43 7.72 21.77
CA GLN A 310 -9.26 8.64 22.56
C GLN A 310 -8.51 9.26 23.73
N ALA A 311 -7.49 8.56 24.24
CA ALA A 311 -6.68 9.07 25.35
C ALA A 311 -5.70 10.17 24.90
N ILE A 312 -5.55 10.31 23.59
CA ILE A 312 -4.74 11.38 23.00
C ILE A 312 -5.64 12.50 22.49
N ILE A 313 -6.67 12.13 21.73
CA ILE A 313 -7.58 13.12 21.15
C ILE A 313 -8.34 13.87 22.25
N SER A 314 -8.81 13.14 23.25
CA SER A 314 -9.55 13.75 24.33
C SER A 314 -8.71 13.68 25.62
N SER A 315 -7.41 13.89 25.48
CA SER A 315 -6.51 13.79 26.62
C SER A 315 -6.86 14.84 27.64
N ASN A 316 -6.84 14.49 28.93
CA ASN A 316 -6.96 15.52 29.97
C ASN A 316 -5.74 16.43 29.95
N SER A 317 -4.62 15.96 29.41
CA SER A 317 -3.39 16.75 29.29
C SER A 317 -3.27 17.43 27.92
N GLU A 318 -2.16 18.11 27.69
CA GLU A 318 -2.00 19.04 26.56
C GLU A 318 -2.16 18.38 25.18
N ARG A 319 -2.78 19.11 24.25
CA ARG A 319 -3.21 18.57 22.96
C ARG A 319 -2.47 19.17 21.79
N LEU A 320 -2.57 18.51 20.65
CA LEU A 320 -1.90 18.97 19.44
C LEU A 320 -2.91 19.49 18.44
N PRO A 321 -2.45 20.36 17.53
CA PRO A 321 -3.27 20.75 16.39
C PRO A 321 -3.43 19.62 15.37
N ASP A 322 -4.56 19.58 14.69
CA ASP A 322 -4.91 18.53 13.74
C ASP A 322 -4.06 18.58 12.49
N ILE A 323 -3.36 19.68 12.27
CA ILE A 323 -2.38 19.80 11.18
C ILE A 323 -1.04 19.07 11.51
N ASN A 324 -0.81 18.77 12.79
CA ASN A 324 0.34 17.95 13.19
C ASN A 324 0.16 16.52 12.71
N ILE A 325 1.17 15.97 12.04
CA ILE A 325 0.99 14.72 11.32
C ILE A 325 0.75 13.53 12.23
N TYR A 326 1.23 13.61 13.47
CA TYR A 326 1.06 12.51 14.42
C TYR A 326 -0.35 12.54 14.98
N GLN A 327 -0.84 13.72 15.33
CA GLN A 327 -2.25 13.93 15.68
C GLN A 327 -3.16 13.45 14.55
N LEU A 328 -2.76 13.80 13.32
CA LEU A 328 -3.57 13.50 12.15
C LEU A 328 -3.71 12.00 11.97
N LYS A 329 -2.58 11.29 12.04
CA LYS A 329 -2.58 9.83 11.99
C LYS A 329 -3.46 9.22 13.06
N VAL A 330 -3.33 9.75 14.28
CA VAL A 330 -4.15 9.30 15.40
C VAL A 330 -5.63 9.56 15.13
N LEU A 331 -5.96 10.72 14.56
CA LEU A 331 -7.34 10.99 14.16
C LEU A 331 -7.87 10.03 13.07
N ASP A 332 -7.03 9.67 12.10
CA ASP A 332 -7.47 8.78 11.01
C ASP A 332 -7.72 7.37 11.54
N CYS A 333 -6.79 6.86 12.35
CA CYS A 333 -6.99 5.59 13.04
C CYS A 333 -8.29 5.59 13.84
N ALA A 334 -8.54 6.69 14.55
CA ALA A 334 -9.75 6.81 15.38
C ALA A 334 -10.99 6.75 14.51
N MET A 335 -11.01 7.53 13.45
CA MET A 335 -12.12 7.52 12.50
C MET A 335 -12.42 6.10 12.04
N ASP A 336 -11.37 5.41 11.60
CA ASP A 336 -11.52 4.07 11.03
C ASP A 336 -11.95 3.04 12.06
N ALA A 337 -11.42 3.16 13.28
CA ALA A 337 -11.87 2.32 14.38
C ALA A 337 -13.37 2.52 14.60
N CYS A 338 -13.78 3.78 14.69
CA CYS A 338 -15.19 4.08 14.90
C CYS A 338 -16.08 3.56 13.75
N ILE A 339 -15.58 3.60 12.52
CA ILE A 339 -16.37 3.07 11.39
C ILE A 339 -16.62 1.57 11.57
N ASN A 340 -15.55 0.82 11.83
CA ASN A 340 -15.63 -0.63 11.97
C ASN A 340 -16.30 -1.09 13.27
N LEU A 341 -16.33 -0.24 14.29
CA LEU A 341 -17.10 -0.52 15.50
C LEU A 341 -18.55 0.00 15.44
N GLY A 342 -18.93 0.59 14.30
CA GLY A 342 -20.28 1.12 14.10
C GLY A 342 -20.62 2.38 14.88
N LEU A 343 -19.60 3.12 15.33
CA LEU A 343 -19.80 4.39 16.03
C LEU A 343 -19.70 5.53 15.02
N LEU A 344 -20.78 5.74 14.27
CA LEU A 344 -20.72 6.61 13.08
C LEU A 344 -20.67 8.10 13.40
N GLU A 345 -21.21 8.47 14.56
CA GLU A 345 -21.19 9.87 14.99
C GLU A 345 -19.77 10.27 15.33
N GLU A 346 -19.13 9.46 16.15
CA GLU A 346 -17.78 9.75 16.60
C GLU A 346 -16.80 9.67 15.42
N ALA A 347 -17.02 8.71 14.52
CA ALA A 347 -16.21 8.58 13.33
C ALA A 347 -16.22 9.87 12.54
N LEU A 348 -17.39 10.50 12.46
CA LEU A 348 -17.57 11.70 11.64
C LEU A 348 -16.90 12.92 12.23
N PHE A 349 -17.01 13.09 13.55
CA PHE A 349 -16.25 14.13 14.26
C PHE A 349 -14.76 14.05 13.85
N TYR A 350 -14.17 12.88 14.04
CA TYR A 350 -12.76 12.67 13.67
C TYR A 350 -12.52 12.86 12.18
N GLY A 351 -13.33 12.22 11.36
CA GLY A 351 -13.21 12.33 9.91
C GLY A 351 -13.21 13.76 9.41
N THR A 352 -14.12 14.59 9.94
CA THR A 352 -14.26 15.95 9.47
C THR A 352 -12.99 16.73 9.80
N ARG A 353 -12.48 16.54 11.01
CA ARG A 353 -11.25 17.19 11.44
C ARG A 353 -10.01 16.86 10.60
N THR A 354 -10.01 15.73 9.90
CA THR A 354 -8.89 15.39 9.01
C THR A 354 -8.97 16.08 7.64
N MET A 355 -10.08 16.73 7.31
CA MET A 355 -10.33 17.20 5.94
C MET A 355 -9.45 18.35 5.45
N GLU A 356 -9.29 19.40 6.27
CA GLU A 356 -8.41 20.50 5.91
C GLU A 356 -6.92 20.03 5.86
N PRO A 357 -6.41 19.41 6.93
CA PRO A 357 -5.02 18.94 6.80
C PRO A 357 -4.78 18.03 5.60
N TYR A 358 -5.69 17.13 5.30
CA TYR A 358 -5.57 16.30 4.09
C TYR A 358 -5.53 17.12 2.81
N ARG A 359 -6.33 18.18 2.75
CA ARG A 359 -6.34 19.09 1.58
C ARG A 359 -4.96 19.69 1.35
N ILE A 360 -4.29 20.02 2.44
CA ILE A 360 -2.96 20.60 2.40
C ILE A 360 -1.93 19.55 2.09
N PHE A 361 -2.00 18.40 2.76
CA PHE A 361 -0.96 17.39 2.67
C PHE A 361 -1.08 16.45 1.47
N PHE A 362 -2.25 16.35 0.85
CA PHE A 362 -2.42 15.52 -0.35
C PHE A 362 -2.87 16.38 -1.52
N PRO A 363 -1.95 17.17 -2.09
CA PRO A 363 -2.37 18.14 -3.07
C PRO A 363 -2.60 17.49 -4.44
N GLY A 364 -3.35 18.19 -5.28
CA GLY A 364 -3.75 17.67 -6.58
C GLY A 364 -4.72 16.54 -6.38
N SER A 365 -4.45 15.42 -7.05
CA SER A 365 -5.29 14.24 -7.00
C SER A 365 -4.43 13.10 -6.41
N HIS A 366 -4.71 12.75 -5.17
CA HIS A 366 -4.05 11.65 -4.46
C HIS A 366 -5.15 10.68 -4.06
N PRO A 367 -4.96 9.38 -4.31
CA PRO A 367 -6.01 8.41 -3.98
C PRO A 367 -6.41 8.38 -2.50
N VAL A 368 -5.45 8.59 -1.61
CA VAL A 368 -5.69 8.53 -0.17
C VAL A 368 -6.63 9.64 0.31
N ARG A 369 -6.50 10.85 -0.22
CA ARG A 369 -7.45 11.92 0.13
C ARG A 369 -8.84 11.63 -0.43
N GLY A 370 -8.90 11.17 -1.68
CA GLY A 370 -10.17 10.85 -2.32
C GLY A 370 -11.00 9.86 -1.53
N VAL A 371 -10.32 8.81 -1.08
CA VAL A 371 -10.93 7.81 -0.20
C VAL A 371 -11.38 8.40 1.14
N GLN A 372 -10.55 9.26 1.72
CA GLN A 372 -10.89 9.88 3.01
C GLN A 372 -12.13 10.77 2.90
N VAL A 373 -12.27 11.44 1.76
CA VAL A 373 -13.39 12.35 1.52
C VAL A 373 -14.65 11.54 1.29
N MET A 374 -14.53 10.45 0.55
CA MET A 374 -15.65 9.53 0.35
C MET A 374 -16.14 9.01 1.68
N LYS A 375 -15.20 8.58 2.55
CA LYS A 375 -15.59 8.07 3.86
C LYS A 375 -16.36 9.12 4.66
N VAL A 376 -15.88 10.36 4.68
CA VAL A 376 -16.58 11.40 5.41
C VAL A 376 -17.96 11.69 4.78
N GLY A 377 -17.99 11.79 3.45
CA GLY A 377 -19.22 11.95 2.70
C GLY A 377 -20.20 10.82 2.98
N LYS A 378 -19.67 9.61 3.08
CA LYS A 378 -20.48 8.43 3.33
C LYS A 378 -21.07 8.45 4.74
N LEU A 379 -20.29 8.91 5.71
CA LEU A 379 -20.74 9.05 7.09
C LEU A 379 -21.83 10.10 7.24
N GLN A 380 -21.68 11.20 6.53
CA GLN A 380 -22.65 12.28 6.56
C GLN A 380 -23.97 11.83 5.96
N LEU A 381 -23.88 11.28 4.75
CA LEU A 381 -25.03 10.75 4.02
C LEU A 381 -25.94 9.91 4.91
N HIS A 382 -25.34 9.02 5.69
CA HIS A 382 -26.10 8.13 6.55
C HIS A 382 -26.31 8.71 7.95
N GLN A 383 -26.34 10.03 8.03
CA GLN A 383 -26.91 10.75 9.16
C GLN A 383 -27.87 11.87 8.75
N GLY A 384 -28.13 12.00 7.45
CA GLY A 384 -29.11 12.95 6.93
C GLY A 384 -28.58 14.34 6.61
N MET A 385 -27.26 14.45 6.43
CA MET A 385 -26.63 15.73 6.10
C MET A 385 -26.42 15.79 4.60
N PHE A 386 -27.52 15.93 3.86
CA PHE A 386 -27.51 15.72 2.42
C PHE A 386 -26.81 16.80 1.61
N PRO A 387 -26.86 18.06 2.06
CA PRO A 387 -26.04 19.08 1.38
C PRO A 387 -24.54 18.83 1.51
N GLN A 388 -24.07 18.62 2.75
CA GLN A 388 -22.64 18.43 3.03
C GLN A 388 -22.13 17.14 2.40
N ALA A 389 -22.88 16.07 2.59
CA ALA A 389 -22.57 14.77 2.03
C ALA A 389 -22.43 14.84 0.51
N MET A 390 -23.39 15.46 -0.15
CA MET A 390 -23.36 15.61 -1.61
C MET A 390 -22.14 16.40 -2.08
N LYS A 391 -21.73 17.37 -1.27
CA LYS A 391 -20.52 18.15 -1.56
C LYS A 391 -19.27 17.26 -1.57
N ASN A 392 -19.09 16.54 -0.48
CA ASN A 392 -17.93 15.66 -0.33
C ASN A 392 -17.91 14.51 -1.33
N LEU A 393 -19.04 13.87 -1.56
CA LEU A 393 -19.09 12.79 -2.52
C LEU A 393 -18.72 13.28 -3.93
N ARG A 394 -19.14 14.49 -4.27
CA ARG A 394 -18.78 15.06 -5.57
C ARG A 394 -17.28 15.38 -5.58
N LEU A 395 -16.78 15.90 -4.47
CA LEU A 395 -15.33 16.12 -4.30
C LEU A 395 -14.55 14.82 -4.42
N ALA A 396 -14.91 13.83 -3.60
CA ALA A 396 -14.31 12.49 -3.70
C ALA A 396 -14.30 12.00 -5.16
N PHE A 397 -15.42 12.19 -5.87
CA PHE A 397 -15.50 11.78 -7.26
C PHE A 397 -14.54 12.58 -8.15
N ASP A 398 -14.43 13.89 -7.91
CA ASP A 398 -13.45 14.71 -8.64
C ASP A 398 -12.01 14.20 -8.50
N ILE A 399 -11.64 13.76 -7.30
CA ILE A 399 -10.31 13.21 -7.07
C ILE A 399 -10.20 11.80 -7.65
N MET A 400 -11.15 10.96 -7.28
CA MET A 400 -11.07 9.54 -7.61
C MET A 400 -11.36 9.22 -9.08
N ARG A 401 -12.01 10.12 -9.80
CA ARG A 401 -12.12 9.92 -11.26
C ARG A 401 -10.72 9.98 -11.87
N VAL A 402 -9.83 10.74 -11.23
CA VAL A 402 -8.44 10.81 -11.66
C VAL A 402 -7.64 9.63 -11.11
N THR A 403 -7.72 9.39 -9.80
CA THR A 403 -6.83 8.43 -9.13
C THR A 403 -7.28 6.98 -9.27
N HIS A 404 -8.59 6.76 -9.39
CA HIS A 404 -9.15 5.42 -9.45
C HIS A 404 -9.65 5.08 -10.85
N GLY A 405 -10.57 5.89 -11.37
CA GLY A 405 -11.06 5.70 -12.74
C GLY A 405 -12.12 4.62 -12.83
N ARG A 406 -12.77 4.56 -13.99
CA ARG A 406 -13.92 3.66 -14.17
C ARG A 406 -13.56 2.18 -14.09
N GLU A 407 -12.27 1.87 -14.23
CA GLU A 407 -11.80 0.49 -14.13
C GLU A 407 -11.76 -0.03 -12.68
N HIS A 408 -11.75 0.89 -11.71
CA HIS A 408 -11.79 0.54 -10.30
C HIS A 408 -13.22 0.48 -9.79
N SER A 409 -13.56 -0.57 -9.06
CA SER A 409 -14.94 -0.83 -8.67
C SER A 409 -15.44 0.06 -7.52
N LEU A 410 -14.54 0.68 -6.77
CA LEU A 410 -14.94 1.67 -5.77
C LEU A 410 -15.61 2.90 -6.42
N ILE A 411 -15.19 3.23 -7.63
CA ILE A 411 -15.85 4.27 -8.40
C ILE A 411 -17.33 3.94 -8.61
N GLU A 412 -17.63 2.70 -9.03
CA GLU A 412 -19.01 2.29 -9.23
C GLU A 412 -19.82 2.41 -7.94
N ASP A 413 -19.20 2.11 -6.81
CA ASP A 413 -19.84 2.30 -5.50
C ASP A 413 -20.10 3.76 -5.17
N LEU A 414 -19.21 4.63 -5.61
CA LEU A 414 -19.38 6.05 -5.40
C LEU A 414 -20.48 6.57 -6.34
N ILE A 415 -20.41 6.18 -7.61
CA ILE A 415 -21.44 6.53 -8.58
C ILE A 415 -22.85 6.25 -8.04
N LEU A 416 -23.05 5.09 -7.44
CA LEU A 416 -24.33 4.76 -6.82
C LEU A 416 -24.62 5.66 -5.62
N LEU A 417 -23.62 5.97 -4.82
CA LEU A 417 -23.80 6.92 -3.73
C LEU A 417 -24.17 8.32 -4.24
N LEU A 418 -23.60 8.72 -5.37
CA LEU A 418 -23.94 10.02 -5.97
C LEU A 418 -25.38 10.03 -6.47
N GLU A 419 -25.76 9.01 -7.25
CA GLU A 419 -27.16 8.83 -7.70
C GLU A 419 -28.15 8.88 -6.53
N GLU A 420 -27.80 8.21 -5.43
CA GLU A 420 -28.65 8.15 -4.24
C GLU A 420 -28.84 9.51 -3.59
N CYS A 421 -27.73 10.14 -3.24
CA CYS A 421 -27.75 11.46 -2.62
C CYS A 421 -28.38 12.52 -3.54
N ASP A 422 -28.29 12.30 -4.85
CA ASP A 422 -28.89 13.19 -5.85
C ASP A 422 -30.43 13.17 -5.82
N ALA A 423 -30.99 12.08 -5.30
CA ALA A 423 -32.45 11.93 -5.17
C ALA A 423 -33.04 12.99 -4.25
N ASN A 424 -32.43 13.19 -3.09
CA ASN A 424 -32.93 14.19 -2.13
C ASN A 424 -33.07 15.59 -2.73
N ILE A 425 -32.15 15.94 -3.63
CA ILE A 425 -32.20 17.22 -4.33
C ILE A 425 -32.62 16.99 -5.77
ZN ZN B . -11.83 -14.15 -1.87
ZN ZN C . 12.06 14.18 -2.38
ZN ZN D . -2.82 -25.03 2.19
N SAM E . 15.60 2.76 -11.02
CA SAM E . 15.06 1.42 -10.83
C SAM E . 15.62 0.46 -11.83
O SAM E . 15.12 -0.68 -11.94
OXT SAM E . 16.60 0.82 -12.53
CB SAM E . 13.53 1.48 -10.93
CG SAM E . 12.87 1.98 -9.65
SD SAM E . 13.05 0.90 -8.39
CE SAM E . 11.55 0.40 -7.86
C5' SAM E . 13.80 1.63 -7.07
C4' SAM E . 15.25 2.09 -7.27
O4' SAM E . 15.44 3.07 -8.29
C3' SAM E . 15.82 2.72 -6.00
O3' SAM E . 16.31 1.73 -5.09
C2' SAM E . 16.91 3.61 -6.54
O2' SAM E . 18.07 2.83 -6.84
C1' SAM E . 16.31 4.12 -7.84
N9 SAM E . 15.52 5.36 -7.66
C8 SAM E . 14.19 5.45 -7.61
N7 SAM E . 13.78 6.73 -7.47
C5 SAM E . 14.89 7.49 -7.43
C6 SAM E . 15.21 8.93 -7.31
N6 SAM E . 14.22 9.86 -7.18
N1 SAM E . 16.51 9.29 -7.32
C2 SAM E . 17.50 8.40 -7.45
N3 SAM E . 17.30 7.09 -7.57
C4 SAM E . 16.04 6.57 -7.56
CL1 4ZX F . 4.25 3.53 -3.92
C02 4ZX F . 5.33 2.17 -3.97
C03 4ZX F . 6.10 2.08 -5.13
C05 4ZX F . 6.97 1.02 -5.26
C06 4ZX F . 7.11 0.05 -4.27
C07 4ZX F . 8.12 -0.94 -4.72
C10 4ZX F . 8.52 -0.41 -6.09
O11 4ZX F . 9.33 -0.90 -6.84
N12 4ZX F . 7.80 0.75 -6.31
C14 4ZX F . 6.36 0.12 -3.12
C16 4ZX F . 5.47 1.20 -2.95
C17 4ZX F . 4.66 1.18 -1.70
O18 4ZX F . 4.27 0.09 -1.29
N19 4ZX F . 4.25 2.27 -1.01
C21 4ZX F . 3.42 2.29 0.20
C23 4ZX F . 1.95 1.92 -0.12
C26 4ZX F . 1.01 3.11 -0.36
C28 4ZX F . 1.38 3.95 -1.57
C31 4ZX F . 2.48 4.88 -1.07
C34 4ZX F . 2.55 4.67 0.46
C36 4ZX F . 3.57 3.63 0.94
N39 4ZX F . 1.27 4.04 0.75
S40 4ZX F . 0.04 4.96 1.39
O41 4ZX F . 0.63 5.68 2.51
O42 4ZX F . -0.52 5.59 0.20
N43 4ZX F . -0.97 3.80 2.01
C44 4ZX F . -0.42 2.91 3.06
C47 4ZX F . -0.60 3.57 4.42
C50 4ZX F . -2.07 3.94 4.62
C52 4ZX F . -2.69 4.73 3.45
C55 4ZX F . -2.41 4.10 2.11
N58 4ZX F . -2.26 4.57 5.91
C60 4ZX F . -1.68 5.87 6.26
C63 4ZX F . -1.83 6.03 7.75
C64 4ZX F . -2.96 6.69 8.28
C66 4ZX F . -3.09 6.81 9.66
C68 4ZX F . -2.13 6.28 10.52
C70 4ZX F . -1.01 5.62 10.01
C72 4ZX F . -0.87 5.48 8.63
#